data_4NZN
#
_entry.id   4NZN
#
_cell.length_a   89.316
_cell.length_b   110.690
_cell.length_c   41.301
_cell.angle_alpha   90.00
_cell.angle_beta   90.00
_cell.angle_gamma   90.00
#
_symmetry.space_group_name_H-M   'P 21 21 21'
#
loop_
_entity.id
_entity.type
_entity.pdbx_description
1 polymer 'Inositol hexakisphosphate and diphosphoinositol-pentakisphosphate kinase 2'
2 non-polymer 'PHOSPHOAMINOPHOSPHONIC ACID-ADENYLATE ESTER'
3 non-polymer '(2-{[(1s,2R,3R,4r,5S,6S)-4-(benzyloxy)-2,3,5,6-tetrakis(phosphonooxy)cyclohexyl]oxy}-2-oxoethyl)phosphonic acid'
4 non-polymer 'MAGNESIUM ION'
5 water water
#
_entity_poly.entity_id   1
_entity_poly.type   'polypeptide(L)'
_entity_poly.pdbx_seq_one_letter_code
;GSFTERQIVVGICSMAKKSKSKPMKEILERISLFKYITVVVFEEEVILNEPVENWPLCDCLISFHSKGFPLDKAVAYAKL
RNPFVINDLNMQYLIQDRREVYSILQAEGILLPRYAILNRDPNNPKECNLIEGEDHVEVNGEVFQKPFVEKPVSAEDHNV
YIYYPTSAGGGSQRLFRKIGSRSSVYSPESNVRKTGSYIYEEFMPTDGTDVKVYTVGPDYAHAEARKSPALDGKVERDSE
GKEVRYPVILNAREKLIAWKVCLAFKQTVCGFDLLRANGQSYVCDVNGFSFVKNSMKYYDDCAKILGNIVMRELAPQFHI
PWSIPLEAED
;
_entity_poly.pdbx_strand_id   A
#
loop_
_chem_comp.id
_chem_comp.type
_chem_comp.name
_chem_comp.formula
2OU non-polymer '(2-{[(1s,2R,3R,4r,5S,6S)-4-(benzyloxy)-2,3,5,6-tetrakis(phosphonooxy)cyclohexyl]oxy}-2-oxoethyl)phosphonic acid' 'C15 H25 O22 P5'
ANP non-polymer 'PHOSPHOAMINOPHOSPHONIC ACID-ADENYLATE ESTER' 'C10 H17 N6 O12 P3'
MG non-polymer 'MAGNESIUM ION' 'Mg 2'
#
# COMPACT_ATOMS: atom_id res chain seq x y z
N ARG A 6 6.50 6.89 -34.41
CA ARG A 6 6.65 5.62 -33.65
C ARG A 6 5.67 5.50 -32.47
N GLN A 7 5.51 4.29 -31.98
CA GLN A 7 4.67 4.00 -30.84
C GLN A 7 5.25 4.61 -29.56
N ILE A 8 4.38 4.95 -28.62
CA ILE A 8 4.81 5.29 -27.27
C ILE A 8 4.93 3.97 -26.53
N VAL A 9 6.08 3.74 -25.93
CA VAL A 9 6.35 2.48 -25.26
C VAL A 9 6.13 2.66 -23.76
N VAL A 10 5.27 1.82 -23.20
CA VAL A 10 5.05 1.76 -21.76
C VAL A 10 5.75 0.51 -21.26
N GLY A 11 6.77 0.72 -20.44
CA GLY A 11 7.55 -0.36 -19.86
C GLY A 11 7.04 -0.74 -18.49
N ILE A 12 6.94 -2.04 -18.24
CA ILE A 12 6.51 -2.56 -16.95
C ILE A 12 7.69 -3.28 -16.31
N CYS A 13 8.07 -2.82 -15.12
CA CYS A 13 9.28 -3.30 -14.47
C CYS A 13 8.97 -3.71 -13.02
N SER A 14 8.79 -5.01 -12.81
CA SER A 14 8.48 -5.54 -11.49
C SER A 14 8.86 -7.02 -11.48
N MET A 15 8.78 -7.65 -10.32
CA MET A 15 9.07 -9.07 -10.21
C MET A 15 8.02 -9.84 -11.02
N ALA A 16 8.41 -10.98 -11.55
CA ALA A 16 7.53 -11.80 -12.39
C ALA A 16 6.19 -12.16 -11.72
N LYS A 17 6.23 -12.46 -10.43
CA LYS A 17 5.01 -12.75 -9.65
C LYS A 17 3.97 -11.64 -9.82
N LYS A 18 4.46 -10.41 -9.94
CA LYS A 18 3.59 -9.25 -10.08
C LYS A 18 3.25 -8.96 -11.54
N SER A 19 4.26 -9.01 -12.41
N SER A 19 4.25 -9.00 -12.42
CA SER A 19 4.09 -8.69 -13.83
CA SER A 19 4.05 -8.64 -13.83
C SER A 19 3.20 -9.68 -14.56
C SER A 19 3.26 -9.70 -14.61
N LYS A 20 3.21 -10.93 -14.10
CA LYS A 20 2.40 -12.01 -14.67
C LYS A 20 1.16 -12.34 -13.84
N SER A 21 0.85 -11.50 -12.85
CA SER A 21 -0.38 -11.69 -12.05
C SER A 21 -1.61 -11.48 -12.93
N LYS A 22 -2.73 -12.10 -12.56
CA LYS A 22 -3.98 -11.93 -13.29
C LYS A 22 -4.40 -10.46 -13.43
N PRO A 23 -4.41 -9.68 -12.33
CA PRO A 23 -4.82 -8.29 -12.56
C PRO A 23 -3.89 -7.50 -13.49
N MET A 24 -2.58 -7.72 -13.38
CA MET A 24 -1.65 -7.03 -14.25
C MET A 24 -1.93 -7.40 -15.71
N LYS A 25 -2.13 -8.69 -15.99
CA LYS A 25 -2.36 -9.13 -17.36
C LYS A 25 -3.66 -8.55 -17.92
N GLU A 26 -4.69 -8.49 -17.08
CA GLU A 26 -5.97 -7.91 -17.46
C GLU A 26 -5.83 -6.41 -17.81
N ILE A 27 -5.06 -5.70 -17.01
CA ILE A 27 -4.86 -4.27 -17.24
C ILE A 27 -3.98 -4.02 -18.47
N LEU A 28 -2.90 -4.78 -18.61
CA LEU A 28 -1.97 -4.58 -19.72
C LEU A 28 -2.63 -4.90 -21.06
N GLU A 29 -3.49 -5.92 -21.12
CA GLU A 29 -4.17 -6.22 -22.39
C GLU A 29 -5.08 -5.07 -22.81
N ARG A 30 -5.65 -4.39 -21.81
CA ARG A 30 -6.48 -3.22 -22.06
C ARG A 30 -5.69 -1.97 -22.45
N ILE A 31 -4.56 -1.73 -21.77
CA ILE A 31 -3.71 -0.61 -22.16
C ILE A 31 -3.24 -0.79 -23.60
N SER A 32 -2.95 -2.03 -23.99
CA SER A 32 -2.49 -2.33 -25.34
C SER A 32 -3.54 -1.99 -26.41
N LEU A 33 -4.80 -1.82 -26.03
CA LEU A 33 -5.86 -1.41 -26.97
C LEU A 33 -5.68 0.03 -27.44
N PHE A 34 -4.96 0.85 -26.68
CA PHE A 34 -4.64 2.21 -27.13
C PHE A 34 -3.81 2.11 -28.41
N LYS A 35 -4.28 2.80 -29.45
CA LYS A 35 -3.72 2.70 -30.79
C LYS A 35 -2.23 3.02 -30.85
N TYR A 36 -1.81 4.03 -30.09
CA TYR A 36 -0.43 4.51 -30.15
C TYR A 36 0.47 4.02 -29.01
N ILE A 37 -0.02 3.09 -28.20
CA ILE A 37 0.76 2.55 -27.08
C ILE A 37 1.16 1.11 -27.32
N THR A 38 2.44 0.81 -27.12
CA THR A 38 2.96 -0.55 -27.08
C THR A 38 3.46 -0.81 -25.65
N VAL A 39 3.06 -1.94 -25.08
CA VAL A 39 3.49 -2.36 -23.75
C VAL A 39 4.66 -3.32 -23.87
N VAL A 40 5.71 -3.08 -23.10
CA VAL A 40 6.86 -3.97 -23.00
C VAL A 40 7.03 -4.40 -21.54
N VAL A 41 6.92 -5.69 -21.26
CA VAL A 41 7.11 -6.19 -19.88
C VAL A 41 8.55 -6.68 -19.72
N PHE A 42 9.30 -6.07 -18.79
CA PHE A 42 10.71 -6.42 -18.59
C PHE A 42 10.78 -7.79 -17.95
N GLU A 43 11.60 -8.68 -18.49
CA GLU A 43 11.76 -10.03 -17.95
C GLU A 43 12.45 -9.98 -16.60
N GLU A 44 12.02 -10.82 -15.66
CA GLU A 44 12.65 -10.83 -14.34
C GLU A 44 14.15 -11.13 -14.40
N GLU A 45 14.55 -12.07 -15.26
CA GLU A 45 15.97 -12.42 -15.40
C GLU A 45 16.81 -11.20 -15.83
N VAL A 46 16.24 -10.36 -16.68
CA VAL A 46 16.90 -9.13 -17.11
C VAL A 46 16.98 -8.12 -15.96
N ILE A 47 15.86 -7.94 -15.26
CA ILE A 47 15.82 -7.02 -14.12
C ILE A 47 16.88 -7.41 -13.09
N LEU A 48 16.96 -8.69 -12.78
CA LEU A 48 17.88 -9.17 -11.75
C LEU A 48 19.35 -9.24 -12.17
N ASN A 49 19.60 -9.74 -13.40
CA ASN A 49 20.97 -10.10 -13.82
C ASN A 49 21.61 -9.20 -14.87
N GLU A 50 20.82 -8.41 -15.61
CA GLU A 50 21.39 -7.53 -16.64
C GLU A 50 21.62 -6.14 -16.08
N PRO A 51 22.71 -5.48 -16.49
CA PRO A 51 22.89 -4.08 -16.12
C PRO A 51 21.80 -3.23 -16.77
N VAL A 52 21.51 -2.08 -16.15
CA VAL A 52 20.39 -1.26 -16.58
C VAL A 52 20.57 -0.72 -18.00
N GLU A 53 21.83 -0.57 -18.43
CA GLU A 53 22.19 -0.18 -19.81
C GLU A 53 21.63 -1.16 -20.87
N ASN A 54 21.35 -2.40 -20.47
CA ASN A 54 20.79 -3.41 -21.38
C ASN A 54 19.27 -3.60 -21.28
N TRP A 55 18.63 -2.95 -20.31
CA TRP A 55 17.18 -3.05 -20.13
C TRP A 55 16.48 -2.41 -21.34
N PRO A 56 15.27 -2.90 -21.68
CA PRO A 56 14.57 -2.29 -22.81
C PRO A 56 14.28 -0.81 -22.59
N LEU A 57 14.19 -0.06 -23.68
CA LEU A 57 13.81 1.33 -23.63
C LEU A 57 12.31 1.45 -23.42
N CYS A 58 11.89 2.51 -22.74
CA CYS A 58 10.49 2.91 -22.71
C CYS A 58 10.39 4.41 -22.57
N ASP A 59 9.22 4.94 -22.92
CA ASP A 59 8.92 6.37 -22.80
C ASP A 59 8.20 6.67 -21.49
N CYS A 60 7.47 5.68 -21.00
CA CYS A 60 6.77 5.76 -19.73
C CYS A 60 7.05 4.47 -18.95
N LEU A 61 7.40 4.63 -17.67
CA LEU A 61 7.82 3.50 -16.82
C LEU A 61 6.84 3.28 -15.67
N ILE A 62 6.31 2.07 -15.59
CA ILE A 62 5.51 1.63 -14.48
C ILE A 62 6.33 0.56 -13.76
N SER A 63 6.83 0.92 -12.59
CA SER A 63 7.77 0.06 -11.86
C SER A 63 7.51 0.18 -10.38
N PHE A 64 7.57 -0.93 -9.69
CA PHE A 64 7.31 -0.93 -8.25
C PHE A 64 8.01 -2.08 -7.55
N HIS A 65 8.34 -1.82 -6.30
CA HIS A 65 9.07 -2.72 -5.47
C HIS A 65 8.15 -3.76 -4.84
N SER A 66 8.64 -5.01 -4.80
CA SER A 66 8.11 -6.04 -3.93
C SER A 66 9.30 -6.88 -3.48
N LYS A 67 9.07 -7.90 -2.66
CA LYS A 67 10.20 -8.66 -2.12
C LYS A 67 11.12 -9.18 -3.23
N GLY A 68 12.42 -8.90 -3.10
CA GLY A 68 13.41 -9.37 -4.07
C GLY A 68 13.75 -8.38 -5.17
N PHE A 69 12.93 -7.34 -5.32
CA PHE A 69 13.11 -6.36 -6.39
C PHE A 69 14.29 -5.42 -6.12
N PRO A 70 15.17 -5.23 -7.13
CA PRO A 70 16.30 -4.31 -7.00
C PRO A 70 15.91 -2.84 -7.28
N LEU A 71 15.37 -2.19 -6.26
CA LEU A 71 14.92 -0.82 -6.41
C LEU A 71 16.05 0.11 -6.82
N ASP A 72 17.28 -0.15 -6.33
CA ASP A 72 18.46 0.64 -6.75
C ASP A 72 18.65 0.63 -8.28
N LYS A 73 18.45 -0.53 -8.90
CA LYS A 73 18.60 -0.64 -10.36
C LYS A 73 17.48 0.12 -11.10
N ALA A 74 16.26 0.00 -10.62
CA ALA A 74 15.14 0.72 -11.24
C ALA A 74 15.39 2.23 -11.19
N VAL A 75 15.86 2.72 -10.04
CA VAL A 75 16.19 4.13 -9.92
C VAL A 75 17.28 4.54 -10.90
N ALA A 76 18.31 3.71 -11.04
CA ALA A 76 19.42 3.98 -11.96
C ALA A 76 18.95 3.96 -13.42
N TYR A 77 18.06 3.02 -13.74
CA TYR A 77 17.48 2.96 -15.07
C TYR A 77 16.71 4.25 -15.38
N ALA A 78 15.87 4.69 -14.46
CA ALA A 78 15.11 5.92 -14.64
C ALA A 78 16.03 7.13 -14.83
N LYS A 79 17.14 7.17 -14.08
CA LYS A 79 18.10 8.25 -14.22
C LYS A 79 18.76 8.21 -15.60
N LEU A 80 19.10 7.00 -16.04
CA LEU A 80 19.74 6.81 -17.34
C LEU A 80 18.83 7.22 -18.51
N ARG A 81 17.57 6.77 -18.48
CA ARG A 81 16.67 6.87 -19.63
C ARG A 81 15.64 8.00 -19.52
N ASN A 82 15.45 8.52 -18.32
CA ASN A 82 14.53 9.63 -18.05
C ASN A 82 13.13 9.45 -18.65
N PRO A 83 12.49 8.29 -18.38
CA PRO A 83 11.11 8.10 -18.82
C PRO A 83 10.15 8.88 -17.94
N PHE A 84 8.92 9.01 -18.42
CA PHE A 84 7.81 9.51 -17.59
C PHE A 84 7.47 8.41 -16.59
N VAL A 85 7.62 8.70 -15.30
CA VAL A 85 7.46 7.70 -14.24
C VAL A 85 6.08 7.83 -13.57
N ILE A 86 5.27 6.77 -13.65
CA ILE A 86 3.90 6.72 -13.12
C ILE A 86 3.88 6.66 -11.58
N ASN A 87 4.69 5.76 -11.02
CA ASN A 87 4.88 5.64 -9.58
C ASN A 87 6.34 5.95 -9.25
N ASP A 88 6.55 7.07 -8.54
CA ASP A 88 7.87 7.54 -8.21
C ASP A 88 8.68 6.45 -7.48
N LEU A 89 9.91 6.24 -7.90
CA LEU A 89 10.73 5.15 -7.38
C LEU A 89 11.38 5.47 -6.05
N ASN A 90 11.94 6.67 -5.89
CA ASN A 90 12.56 7.04 -4.62
C ASN A 90 11.58 7.00 -3.44
N MET A 91 10.32 7.38 -3.66
N MET A 91 10.33 7.37 -3.68
CA MET A 91 9.32 7.30 -2.60
CA MET A 91 9.32 7.30 -2.63
C MET A 91 9.08 5.86 -2.15
C MET A 91 9.10 5.87 -2.15
N GLN A 92 9.38 4.89 -3.01
CA GLN A 92 9.19 3.48 -2.66
C GLN A 92 10.18 2.99 -1.60
N TYR A 93 11.29 3.69 -1.41
CA TYR A 93 12.16 3.44 -0.24
C TYR A 93 11.42 3.86 1.03
N LEU A 94 10.76 5.02 0.99
CA LEU A 94 10.08 5.54 2.18
C LEU A 94 8.83 4.74 2.54
N ILE A 95 8.13 4.20 1.54
CA ILE A 95 6.94 3.40 1.79
C ILE A 95 7.28 2.10 2.55
N GLN A 96 8.53 1.66 2.49
CA GLN A 96 8.97 0.48 3.26
C GLN A 96 9.15 0.71 4.76
N ASP A 97 9.03 1.95 5.21
CA ASP A 97 9.29 2.34 6.59
C ASP A 97 8.05 3.04 7.15
N ARG A 98 7.37 2.38 8.08
CA ARG A 98 6.14 2.93 8.65
CA ARG A 98 6.14 2.92 8.66
C ARG A 98 6.32 4.31 9.27
N ARG A 99 7.51 4.57 9.82
CA ARG A 99 7.80 5.86 10.41
C ARG A 99 7.74 6.97 9.35
N GLU A 100 8.29 6.67 8.18
CA GLU A 100 8.31 7.64 7.09
C GLU A 100 6.90 7.85 6.54
N VAL A 101 6.14 6.76 6.42
CA VAL A 101 4.76 6.83 5.94
C VAL A 101 3.91 7.73 6.85
N TYR A 102 3.98 7.48 8.16
CA TYR A 102 3.18 8.28 9.09
C TYR A 102 3.63 9.76 9.12
N SER A 103 4.93 10.00 8.99
CA SER A 103 5.45 11.37 8.93
C SER A 103 4.86 12.13 7.74
N ILE A 104 4.79 11.48 6.59
CA ILE A 104 4.18 12.08 5.40
C ILE A 104 2.68 12.35 5.60
N LEU A 105 1.96 11.38 6.14
CA LEU A 105 0.52 11.54 6.39
C LEU A 105 0.27 12.75 7.28
N GLN A 106 1.06 12.88 8.35
CA GLN A 106 0.92 14.00 9.29
C GLN A 106 1.16 15.32 8.58
N ALA A 107 2.20 15.36 7.75
CA ALA A 107 2.55 16.59 7.03
C ALA A 107 1.46 17.02 6.03
N GLU A 108 0.63 16.07 5.59
CA GLU A 108 -0.48 16.35 4.68
C GLU A 108 -1.82 16.63 5.37
N GLY A 109 -1.82 16.74 6.69
CA GLY A 109 -3.06 16.97 7.42
C GLY A 109 -4.06 15.83 7.34
N ILE A 110 -3.53 14.61 7.18
CA ILE A 110 -4.37 13.42 7.07
C ILE A 110 -4.53 12.81 8.46
N LEU A 111 -5.78 12.57 8.85
CA LEU A 111 -6.09 11.96 10.13
C LEU A 111 -5.49 10.56 10.19
N LEU A 112 -4.81 10.28 11.29
CA LEU A 112 -4.24 8.95 11.53
C LEU A 112 -4.29 8.68 13.02
N PRO A 113 -4.11 7.41 13.42
CA PRO A 113 -4.16 7.14 14.86
C PRO A 113 -3.06 7.88 15.61
N ARG A 114 -3.35 8.33 16.83
CA ARG A 114 -2.30 8.84 17.71
C ARG A 114 -1.24 7.76 17.85
N TYR A 115 0.02 8.12 17.70
CA TYR A 115 1.12 7.14 17.70
C TYR A 115 2.42 7.67 18.28
N ALA A 116 3.29 6.73 18.63
CA ALA A 116 4.63 7.03 19.10
C ALA A 116 5.59 5.95 18.61
N ILE A 117 6.80 6.36 18.28
CA ILE A 117 7.82 5.47 17.74
C ILE A 117 8.78 5.05 18.86
N LEU A 118 8.92 3.74 19.04
CA LEU A 118 9.94 3.19 19.92
C LEU A 118 11.11 2.66 19.09
N ASN A 119 12.19 3.44 19.02
CA ASN A 119 13.41 2.99 18.34
C ASN A 119 14.31 2.32 19.35
N ARG A 120 14.65 1.06 19.08
CA ARG A 120 15.42 0.24 19.99
C ARG A 120 16.79 -0.09 19.37
N ASP A 121 17.84 0.07 20.16
CA ASP A 121 19.19 -0.31 19.78
C ASP A 121 19.35 -1.82 20.00
N PRO A 122 19.59 -2.59 18.93
CA PRO A 122 19.69 -4.04 19.11
C PRO A 122 20.87 -4.47 19.99
N ASN A 123 21.86 -3.60 20.15
CA ASN A 123 22.97 -3.84 21.08
C ASN A 123 22.56 -3.62 22.54
N ASN A 124 21.73 -2.61 22.78
CA ASN A 124 21.26 -2.28 24.13
C ASN A 124 19.73 -2.20 24.18
N PRO A 125 19.04 -3.34 23.96
CA PRO A 125 17.57 -3.32 23.81
C PRO A 125 16.77 -2.77 25.00
N LYS A 126 17.34 -2.81 26.20
CA LYS A 126 16.61 -2.36 27.39
C LYS A 126 16.77 -0.86 27.70
N GLU A 127 17.63 -0.16 26.95
CA GLU A 127 17.86 1.28 27.17
C GLU A 127 16.89 2.21 26.44
N CYS A 128 15.91 1.64 25.74
CA CYS A 128 14.92 2.43 25.00
C CYS A 128 13.88 3.03 25.95
N ASN A 129 13.13 4.03 25.48
CA ASN A 129 12.21 4.74 26.36
C ASN A 129 10.82 4.09 26.37
N LEU A 130 10.77 2.90 26.94
CA LEU A 130 9.53 2.15 27.10
C LEU A 130 9.34 1.82 28.58
N ILE A 131 8.16 2.12 29.10
CA ILE A 131 7.72 1.66 30.42
C ILE A 131 6.40 0.92 30.21
N GLU A 132 6.29 -0.24 30.82
CA GLU A 132 5.12 -1.09 30.65
C GLU A 132 4.39 -1.32 31.96
N GLY A 133 3.08 -1.12 31.94
CA GLY A 133 2.15 -1.56 32.98
C GLY A 133 1.27 -2.66 32.42
N GLU A 134 0.40 -3.24 33.27
CA GLU A 134 -0.45 -4.36 32.81
C GLU A 134 -1.51 -3.93 31.81
N ASP A 135 -1.95 -2.67 31.89
CA ASP A 135 -3.00 -2.15 30.99
C ASP A 135 -2.58 -0.95 30.16
N HIS A 136 -1.29 -0.66 30.13
CA HIS A 136 -0.79 0.45 29.30
C HIS A 136 0.71 0.36 29.06
N VAL A 137 1.17 1.08 28.04
CA VAL A 137 2.59 1.34 27.85
C VAL A 137 2.81 2.85 27.78
N GLU A 138 4.05 3.26 28.06
CA GLU A 138 4.48 4.64 27.94
C GLU A 138 5.69 4.62 27.02
N VAL A 139 5.56 5.32 25.89
CA VAL A 139 6.55 5.31 24.83
C VAL A 139 7.04 6.74 24.66
N ASN A 140 8.31 6.98 24.98
CA ASN A 140 8.85 8.34 25.00
C ASN A 140 7.98 9.23 25.90
N GLY A 141 7.42 8.65 26.97
CA GLY A 141 6.56 9.38 27.90
C GLY A 141 5.07 9.39 27.55
N GLU A 142 4.73 9.09 26.30
CA GLU A 142 3.35 9.14 25.85
C GLU A 142 2.62 7.86 26.22
N VAL A 143 1.45 8.01 26.84
CA VAL A 143 0.69 6.89 27.40
C VAL A 143 -0.28 6.34 26.35
N PHE A 144 -0.25 5.02 26.21
CA PHE A 144 -1.23 4.29 25.41
C PHE A 144 -1.92 3.26 26.30
N GLN A 145 -3.19 3.54 26.62
CA GLN A 145 -4.03 2.58 27.34
C GLN A 145 -4.40 1.45 26.38
N LYS A 146 -4.50 0.23 26.90
CA LYS A 146 -5.01 -0.88 26.11
C LYS A 146 -6.51 -0.67 25.88
N PRO A 147 -7.02 -1.01 24.68
CA PRO A 147 -6.32 -1.64 23.56
C PRO A 147 -5.43 -0.68 22.79
N PHE A 148 -4.25 -1.16 22.43
CA PHE A 148 -3.35 -0.46 21.51
C PHE A 148 -2.72 -1.44 20.53
N VAL A 149 -2.11 -0.87 19.50
CA VAL A 149 -1.54 -1.60 18.37
C VAL A 149 -0.03 -1.39 18.32
N GLU A 150 0.68 -2.47 18.00
CA GLU A 150 2.15 -2.51 17.96
C GLU A 150 2.56 -3.00 16.57
N LYS A 151 3.18 -2.11 15.78
CA LYS A 151 3.57 -2.41 14.41
C LYS A 151 5.09 -2.36 14.24
N PRO A 152 5.68 -3.38 13.61
CA PRO A 152 7.10 -3.30 13.29
C PRO A 152 7.37 -2.07 12.43
N VAL A 153 8.49 -1.39 12.67
CA VAL A 153 8.80 -0.21 11.87
C VAL A 153 8.94 -0.53 10.38
N SER A 154 9.34 -1.75 10.04
CA SER A 154 9.32 -2.20 8.65
C SER A 154 7.90 -2.47 8.18
N ALA A 155 7.47 -1.73 7.16
CA ALA A 155 6.16 -1.89 6.57
C ALA A 155 6.00 -3.24 5.84
N GLU A 156 7.13 -3.88 5.53
CA GLU A 156 7.12 -5.21 4.93
C GLU A 156 6.99 -6.34 5.97
N ASP A 157 7.04 -5.98 7.26
CA ASP A 157 6.86 -6.98 8.33
C ASP A 157 5.42 -6.86 8.82
N HIS A 158 4.63 -7.90 8.53
CA HIS A 158 3.19 -7.88 8.75
C HIS A 158 2.76 -8.46 10.11
N ASN A 159 3.74 -8.70 10.98
CA ASN A 159 3.49 -9.16 12.35
C ASN A 159 3.05 -8.00 13.26
N VAL A 160 1.83 -7.52 13.04
CA VAL A 160 1.20 -6.48 13.83
C VAL A 160 0.46 -7.14 14.99
N TYR A 161 0.68 -6.66 16.21
CA TYR A 161 0.02 -7.20 17.38
C TYR A 161 -0.93 -6.16 17.98
N ILE A 162 -2.05 -6.63 18.50
CA ILE A 162 -3.00 -5.82 19.25
C ILE A 162 -3.06 -6.35 20.69
N TYR A 163 -3.04 -5.44 21.66
CA TYR A 163 -2.99 -5.82 23.08
C TYR A 163 -4.29 -5.46 23.77
N TYR A 164 -4.94 -6.45 24.38
CA TYR A 164 -6.28 -6.29 24.95
C TYR A 164 -6.19 -5.86 26.41
N PRO A 165 -7.11 -5.00 26.87
CA PRO A 165 -7.14 -4.63 28.28
C PRO A 165 -7.56 -5.78 29.19
N THR A 166 -7.19 -5.69 30.46
CA THR A 166 -7.57 -6.68 31.47
C THR A 166 -9.09 -6.87 31.50
N SER A 167 -9.83 -5.76 31.36
CA SER A 167 -11.29 -5.77 31.34
C SER A 167 -11.89 -6.67 30.25
N ALA A 168 -11.08 -6.99 29.24
CA ALA A 168 -11.51 -7.83 28.12
C ALA A 168 -10.84 -9.20 28.09
N GLY A 169 -10.08 -9.54 29.14
CA GLY A 169 -9.44 -10.85 29.22
C GLY A 169 -7.93 -10.82 29.01
N GLY A 170 -7.40 -9.65 28.65
CA GLY A 170 -5.97 -9.50 28.41
C GLY A 170 -5.50 -10.31 27.22
N GLY A 171 -4.20 -10.57 27.18
CA GLY A 171 -3.58 -11.26 26.05
C GLY A 171 -3.47 -10.35 24.84
N SER A 172 -3.32 -10.95 23.68
CA SER A 172 -3.01 -10.20 22.45
C SER A 172 -3.49 -10.93 21.22
N GLN A 173 -3.67 -10.17 20.13
CA GLN A 173 -4.01 -10.75 18.83
C GLN A 173 -2.78 -10.53 17.96
N ARG A 174 -2.23 -11.62 17.42
CA ARG A 174 -1.07 -11.57 16.54
C ARG A 174 -1.52 -11.73 15.10
N LEU A 175 -1.37 -10.66 14.34
CA LEU A 175 -1.74 -10.67 12.91
C LEU A 175 -0.54 -11.08 12.07
N PHE A 176 -0.82 -11.59 10.87
CA PHE A 176 0.21 -12.01 9.95
C PHE A 176 -0.36 -12.09 8.54
N ARG A 177 0.52 -12.17 7.56
CA ARG A 177 0.14 -12.42 6.18
C ARG A 177 -0.69 -13.71 6.16
N LYS A 178 -1.81 -13.73 5.47
CA LYS A 178 -2.74 -14.84 5.55
C LYS A 178 -2.04 -16.14 5.32
N ILE A 179 -2.28 -17.11 6.17
CA ILE A 179 -1.87 -18.48 5.92
C ILE A 179 -3.20 -19.21 5.81
N GLY A 180 -3.62 -19.44 4.57
CA GLY A 180 -4.86 -20.15 4.24
C GLY A 180 -6.14 -19.55 4.82
N SER A 181 -6.68 -20.23 5.81
CA SER A 181 -7.94 -19.83 6.42
C SER A 181 -7.78 -18.76 7.51
N ARG A 182 -6.55 -18.35 7.82
CA ARG A 182 -6.34 -17.48 8.99
C ARG A 182 -5.45 -16.28 8.75
N SER A 183 -5.80 -15.18 9.40
CA SER A 183 -5.06 -13.92 9.29
C SER A 183 -4.56 -13.40 10.63
N SER A 184 -4.99 -14.02 11.72
CA SER A 184 -4.48 -13.69 13.06
C SER A 184 -4.77 -14.82 14.01
N VAL A 185 -4.16 -14.75 15.18
N VAL A 185 -4.17 -14.73 15.20
CA VAL A 185 -4.41 -15.71 16.24
CA VAL A 185 -4.33 -15.74 16.25
C VAL A 185 -4.28 -15.04 17.61
C VAL A 185 -4.23 -15.06 17.62
N TYR A 186 -5.07 -15.49 18.56
CA TYR A 186 -5.01 -15.01 19.93
C TYR A 186 -3.81 -15.60 20.64
N SER A 187 -3.13 -14.78 21.42
CA SER A 187 -2.07 -15.23 22.32
C SER A 187 -2.40 -14.80 23.75
N PRO A 188 -2.15 -15.67 24.73
CA PRO A 188 -2.33 -15.24 26.11
C PRO A 188 -1.27 -14.23 26.59
N GLU A 189 -0.23 -14.00 25.78
CA GLU A 189 0.82 -13.07 26.15
C GLU A 189 0.26 -11.65 26.23
N SER A 190 0.47 -10.99 27.36
CA SER A 190 -0.04 -9.63 27.58
C SER A 190 1.06 -8.57 27.50
N ASN A 191 2.33 -8.99 27.62
CA ASN A 191 3.44 -8.05 27.57
C ASN A 191 3.92 -7.83 26.14
N VAL A 192 4.40 -6.62 25.87
CA VAL A 192 4.80 -6.25 24.51
C VAL A 192 6.12 -6.92 24.12
N ARG A 193 6.43 -6.89 22.82
CA ARG A 193 7.66 -7.49 22.32
C ARG A 193 8.86 -6.75 22.87
N LYS A 194 9.94 -7.48 23.14
CA LYS A 194 11.09 -6.87 23.81
C LYS A 194 12.32 -6.68 22.95
N THR A 195 12.27 -7.19 21.72
CA THR A 195 13.30 -6.89 20.72
C THR A 195 12.65 -6.30 19.48
N GLY A 196 13.40 -5.45 18.79
CA GLY A 196 12.91 -4.74 17.60
C GLY A 196 12.41 -3.35 17.89
N SER A 197 12.26 -2.55 16.83
CA SER A 197 11.64 -1.23 16.91
C SER A 197 10.20 -1.28 16.42
N TYR A 198 9.33 -0.50 17.08
CA TYR A 198 7.89 -0.52 16.82
C TYR A 198 7.27 0.85 16.83
N ILE A 199 6.15 0.96 16.10
CA ILE A 199 5.23 2.05 16.30
C ILE A 199 4.11 1.52 17.21
N TYR A 200 3.79 2.29 18.25
CA TYR A 200 2.63 2.03 19.09
C TYR A 200 1.58 3.06 18.75
N GLU A 201 0.35 2.59 18.59
CA GLU A 201 -0.75 3.50 18.26
C GLU A 201 -2.07 3.14 18.91
N GLU A 202 -2.92 4.15 19.04
CA GLU A 202 -4.26 3.97 19.61
C GLU A 202 -5.07 3.05 18.72
N PHE A 203 -5.84 2.18 19.34
CA PHE A 203 -6.74 1.28 18.66
C PHE A 203 -7.99 2.07 18.30
N MET A 204 -8.33 2.08 17.01
CA MET A 204 -9.50 2.79 16.52
C MET A 204 -10.66 1.82 16.37
N PRO A 205 -11.77 2.08 17.08
CA PRO A 205 -12.91 1.18 17.05
C PRO A 205 -13.71 1.34 15.75
N THR A 206 -13.75 0.28 14.96
CA THR A 206 -14.54 0.25 13.72
C THR A 206 -15.69 -0.74 13.91
N ASP A 207 -16.50 -0.91 12.85
CA ASP A 207 -17.58 -1.91 12.86
C ASP A 207 -17.07 -3.33 12.62
N GLY A 208 -15.76 -3.52 12.63
CA GLY A 208 -15.16 -4.84 12.42
C GLY A 208 -14.64 -5.05 11.01
N THR A 209 -14.69 -4.00 10.18
CA THR A 209 -14.17 -4.07 8.82
C THR A 209 -13.11 -3.00 8.59
N ASP A 210 -12.23 -3.26 7.64
CA ASP A 210 -11.23 -2.33 7.13
C ASP A 210 -11.72 -1.86 5.78
N VAL A 211 -11.53 -0.59 5.46
CA VAL A 211 -11.78 -0.09 4.11
C VAL A 211 -10.47 -0.04 3.34
N LYS A 212 -10.43 -0.74 2.21
CA LYS A 212 -9.26 -0.80 1.34
C LYS A 212 -9.50 0.13 0.15
N VAL A 213 -8.59 1.07 -0.06
CA VAL A 213 -8.74 2.07 -1.13
C VAL A 213 -7.64 1.88 -2.18
N TYR A 214 -8.03 1.96 -3.44
CA TYR A 214 -7.15 1.74 -4.56
C TYR A 214 -7.25 2.92 -5.53
N THR A 215 -6.21 3.74 -5.60
CA THR A 215 -6.23 4.92 -6.46
C THR A 215 -5.69 4.62 -7.85
N VAL A 216 -6.22 5.34 -8.84
CA VAL A 216 -5.57 5.39 -10.17
C VAL A 216 -5.54 6.86 -10.54
N GLY A 217 -4.46 7.51 -10.16
CA GLY A 217 -4.39 8.96 -10.19
C GLY A 217 -5.20 9.55 -9.04
N PRO A 218 -5.07 10.86 -8.82
CA PRO A 218 -5.67 11.45 -7.62
C PRO A 218 -7.19 11.62 -7.66
N ASP A 219 -7.81 11.47 -8.83
CA ASP A 219 -9.24 11.70 -9.00
C ASP A 219 -10.05 10.41 -9.24
N TYR A 220 -9.44 9.25 -9.05
CA TYR A 220 -10.16 7.98 -9.13
C TYR A 220 -9.73 7.10 -7.98
N ALA A 221 -10.70 6.57 -7.26
CA ALA A 221 -10.40 5.62 -6.21
C ALA A 221 -11.53 4.63 -6.10
N HIS A 222 -11.18 3.35 -6.14
CA HIS A 222 -12.11 2.29 -5.84
C HIS A 222 -11.90 1.87 -4.38
N ALA A 223 -12.99 1.67 -3.66
CA ALA A 223 -12.92 1.20 -2.29
C ALA A 223 -13.75 -0.06 -2.09
N GLU A 224 -13.34 -0.88 -1.14
CA GLU A 224 -14.09 -2.04 -0.73
C GLU A 224 -13.68 -2.39 0.69
N ALA A 225 -14.50 -3.18 1.38
CA ALA A 225 -14.26 -3.51 2.77
C ALA A 225 -14.04 -5.01 2.94
N ARG A 226 -13.23 -5.35 3.93
CA ARG A 226 -12.98 -6.73 4.33
C ARG A 226 -13.04 -6.82 5.82
N LYS A 227 -13.36 -8.00 6.33
CA LYS A 227 -13.34 -8.26 7.76
C LYS A 227 -11.93 -7.93 8.30
N SER A 228 -11.87 -7.21 9.42
CA SER A 228 -10.56 -6.89 10.02
C SER A 228 -9.89 -8.17 10.52
N PRO A 229 -8.62 -8.36 10.21
CA PRO A 229 -7.88 -9.52 10.74
C PRO A 229 -7.76 -9.47 12.23
N ALA A 230 -7.92 -8.31 12.80
CA ALA A 230 -7.86 -8.13 14.23
C ALA A 230 -9.04 -8.76 14.94
N LEU A 231 -10.07 -9.17 14.22
CA LEU A 231 -11.31 -9.53 14.87
C LEU A 231 -11.23 -10.90 15.51
N ASP A 232 -11.21 -11.95 14.74
CA ASP A 232 -10.91 -13.25 15.30
C ASP A 232 -9.92 -14.07 14.48
N GLY A 233 -9.60 -13.58 13.31
CA GLY A 233 -8.54 -14.13 12.49
C GLY A 233 -8.98 -15.18 11.47
N LYS A 234 -10.24 -15.59 11.52
CA LYS A 234 -10.76 -16.51 10.51
C LYS A 234 -11.14 -15.72 9.25
N VAL A 235 -10.57 -16.11 8.12
CA VAL A 235 -10.83 -15.42 6.85
C VAL A 235 -12.20 -15.86 6.31
N GLU A 236 -13.03 -14.89 5.93
CA GLU A 236 -14.34 -15.17 5.33
C GLU A 236 -14.18 -15.44 3.86
N ARG A 237 -14.73 -16.56 3.39
CA ARG A 237 -14.64 -16.92 1.97
C ARG A 237 -16.01 -17.18 1.37
N ASP A 238 -16.16 -16.84 0.09
CA ASP A 238 -17.40 -17.12 -0.65
C ASP A 238 -17.36 -18.56 -1.15
N SER A 239 -18.47 -19.01 -1.73
CA SER A 239 -18.58 -20.37 -2.25
C SER A 239 -17.48 -20.70 -3.26
N GLU A 240 -17.00 -19.67 -3.96
CA GLU A 240 -15.94 -19.79 -4.97
C GLU A 240 -14.53 -19.85 -4.37
N GLY A 241 -14.40 -19.63 -3.05
CA GLY A 241 -13.11 -19.68 -2.37
C GLY A 241 -12.39 -18.34 -2.25
N LYS A 242 -12.96 -17.29 -2.84
CA LYS A 242 -12.37 -15.95 -2.75
C LYS A 242 -12.76 -15.29 -1.43
N GLU A 243 -11.87 -14.44 -0.91
CA GLU A 243 -12.16 -13.71 0.33
C GLU A 243 -13.34 -12.76 0.10
N VAL A 244 -14.25 -12.73 1.06
CA VAL A 244 -15.45 -11.89 0.99
C VAL A 244 -15.06 -10.41 1.05
N ARG A 245 -15.67 -9.64 0.17
CA ARG A 245 -15.47 -8.20 0.07
C ARG A 245 -16.84 -7.56 0.19
N TYR A 246 -16.90 -6.39 0.82
CA TYR A 246 -18.16 -5.67 0.99
C TYR A 246 -18.07 -4.37 0.23
N PRO A 247 -19.22 -3.91 -0.32
CA PRO A 247 -19.24 -2.67 -1.10
C PRO A 247 -18.99 -1.45 -0.23
N VAL A 248 -18.25 -0.50 -0.79
CA VAL A 248 -18.00 0.78 -0.15
C VAL A 248 -18.10 1.88 -1.20
N ILE A 249 -18.72 2.99 -0.82
CA ILE A 249 -18.62 4.24 -1.56
C ILE A 249 -17.99 5.27 -0.62
N LEU A 250 -16.93 5.90 -1.08
CA LEU A 250 -16.21 6.86 -0.27
C LEU A 250 -16.97 8.17 -0.18
N ASN A 251 -16.98 8.78 1.00
CA ASN A 251 -17.60 10.08 1.18
C ASN A 251 -16.65 11.17 0.71
N ALA A 252 -17.10 12.43 0.76
CA ALA A 252 -16.29 13.54 0.27
C ALA A 252 -14.95 13.65 0.99
N ARG A 253 -14.97 13.49 2.31
CA ARG A 253 -13.73 13.54 3.10
C ARG A 253 -12.75 12.46 2.63
N GLU A 254 -13.26 11.26 2.38
CA GLU A 254 -12.43 10.14 2.00
C GLU A 254 -11.88 10.25 0.57
N LYS A 255 -12.67 10.82 -0.34
CA LYS A 255 -12.19 11.10 -1.69
C LYS A 255 -11.01 12.08 -1.65
N LEU A 256 -11.09 13.07 -0.77
CA LEU A 256 -9.96 13.98 -0.56
C LEU A 256 -8.75 13.26 0.04
N ILE A 257 -8.97 12.35 0.99
CA ILE A 257 -7.86 11.57 1.54
C ILE A 257 -7.11 10.84 0.40
N ALA A 258 -7.87 10.19 -0.50
CA ALA A 258 -7.26 9.46 -1.61
C ALA A 258 -6.44 10.36 -2.54
N TRP A 259 -6.98 11.54 -2.83
CA TRP A 259 -6.29 12.56 -3.61
C TRP A 259 -4.96 12.91 -2.94
N LYS A 260 -5.00 13.17 -1.64
CA LYS A 260 -3.81 13.52 -0.87
C LYS A 260 -2.75 12.40 -0.83
N VAL A 261 -3.19 11.17 -0.61
CA VAL A 261 -2.26 10.04 -0.49
C VAL A 261 -1.55 9.81 -1.84
N CYS A 262 -2.32 9.78 -2.91
CA CYS A 262 -1.80 9.59 -4.25
C CYS A 262 -0.73 10.62 -4.57
N LEU A 263 -1.03 11.90 -4.35
CA LEU A 263 -0.07 12.95 -4.63
C LEU A 263 1.12 13.02 -3.66
N ALA A 264 0.87 12.82 -2.37
CA ALA A 264 1.91 12.93 -1.35
C ALA A 264 3.01 11.89 -1.53
N PHE A 265 2.61 10.67 -1.85
CA PHE A 265 3.55 9.58 -2.07
C PHE A 265 3.97 9.46 -3.54
N LYS A 266 3.41 10.29 -4.41
CA LYS A 266 3.73 10.28 -5.84
C LYS A 266 3.55 8.89 -6.46
N GLN A 267 2.52 8.18 -5.99
CA GLN A 267 2.17 6.87 -6.50
C GLN A 267 0.82 6.97 -7.21
N THR A 268 0.85 7.05 -8.54
CA THR A 268 -0.39 7.11 -9.32
C THR A 268 -1.34 5.97 -8.95
N VAL A 269 -0.80 4.75 -8.95
CA VAL A 269 -1.51 3.55 -8.56
C VAL A 269 -1.12 3.28 -7.11
N CYS A 270 -2.06 3.44 -6.19
CA CYS A 270 -1.73 3.36 -4.77
C CYS A 270 -2.83 2.73 -3.94
N GLY A 271 -2.45 1.76 -3.12
CA GLY A 271 -3.36 1.18 -2.16
C GLY A 271 -3.09 1.73 -0.78
N PHE A 272 -4.16 1.99 -0.03
CA PHE A 272 -4.05 2.33 1.38
C PHE A 272 -5.30 1.87 2.16
N ASP A 273 -5.17 1.77 3.49
CA ASP A 273 -6.24 1.28 4.35
C ASP A 273 -6.82 2.43 5.20
N LEU A 274 -8.16 2.43 5.31
CA LEU A 274 -8.90 3.39 6.12
C LEU A 274 -9.66 2.68 7.23
N LEU A 275 -9.65 3.29 8.40
CA LEU A 275 -10.42 2.85 9.54
C LEU A 275 -11.53 3.85 9.75
N ARG A 276 -12.77 3.40 9.57
CA ARG A 276 -13.93 4.25 9.81
C ARG A 276 -14.29 4.12 11.27
N ALA A 277 -13.99 5.17 12.03
CA ALA A 277 -14.12 5.16 13.48
C ALA A 277 -14.51 6.52 14.03
N ASN A 278 -15.43 6.53 15.00
CA ASN A 278 -15.81 7.76 15.70
C ASN A 278 -16.23 8.88 14.74
N GLY A 279 -16.96 8.52 13.67
CA GLY A 279 -17.43 9.50 12.69
C GLY A 279 -16.40 10.15 11.78
N GLN A 280 -15.19 9.60 11.76
CA GLN A 280 -14.13 10.05 10.85
C GLN A 280 -13.48 8.83 10.21
N SER A 281 -12.51 9.08 9.33
CA SER A 281 -11.78 8.02 8.66
C SER A 281 -10.28 8.24 8.82
N TYR A 282 -9.59 7.23 9.35
CA TYR A 282 -8.19 7.31 9.68
C TYR A 282 -7.38 6.40 8.78
N VAL A 283 -6.28 6.91 8.23
CA VAL A 283 -5.37 6.07 7.44
C VAL A 283 -4.43 5.34 8.40
N CYS A 284 -4.32 4.02 8.24
CA CYS A 284 -3.40 3.25 9.09
C CYS A 284 -2.28 2.55 8.34
N ASP A 285 -2.26 2.64 7.01
CA ASP A 285 -1.33 1.86 6.20
C ASP A 285 -1.37 2.41 4.79
N VAL A 286 -0.21 2.65 4.20
CA VAL A 286 -0.08 3.01 2.78
C VAL A 286 0.84 1.98 2.15
N ASN A 287 0.34 1.26 1.16
CA ASN A 287 1.05 0.13 0.57
C ASN A 287 1.70 0.39 -0.79
N GLY A 288 1.39 1.51 -1.41
CA GLY A 288 1.89 1.79 -2.76
C GLY A 288 1.18 0.94 -3.80
N PHE A 289 1.88 0.59 -4.86
CA PHE A 289 1.29 -0.04 -6.05
C PHE A 289 0.44 -1.26 -5.71
N SER A 290 -0.83 -1.18 -6.08
N SER A 290 -0.84 -1.16 -6.07
CA SER A 290 -1.75 -2.28 -5.83
CA SER A 290 -1.86 -2.14 -5.72
C SER A 290 -2.95 -2.17 -6.74
C SER A 290 -2.96 -2.14 -6.79
N PHE A 291 -3.37 -3.31 -7.26
CA PHE A 291 -4.55 -3.42 -8.13
C PHE A 291 -5.68 -4.11 -7.38
N VAL A 292 -6.91 -3.75 -7.72
CA VAL A 292 -8.12 -4.46 -7.32
C VAL A 292 -8.20 -5.74 -8.15
N LYS A 293 -8.63 -6.85 -7.54
CA LYS A 293 -8.88 -8.10 -8.26
C LYS A 293 -10.38 -8.38 -8.39
N ASN A 294 -10.74 -9.19 -9.38
CA ASN A 294 -12.13 -9.66 -9.55
C ASN A 294 -13.17 -8.56 -9.82
N SER A 295 -12.73 -7.43 -10.35
CA SER A 295 -13.63 -6.39 -10.80
C SER A 295 -13.33 -6.04 -12.25
N MET A 296 -14.17 -6.49 -13.18
CA MET A 296 -13.98 -6.16 -14.59
C MET A 296 -14.02 -4.65 -14.82
N LYS A 297 -14.89 -3.96 -14.08
CA LYS A 297 -15.05 -2.52 -14.23
C LYS A 297 -13.79 -1.77 -13.79
N TYR A 298 -13.16 -2.21 -12.70
CA TYR A 298 -11.90 -1.64 -12.29
C TYR A 298 -10.84 -1.84 -13.38
N TYR A 299 -10.75 -3.05 -13.94
CA TYR A 299 -9.77 -3.29 -15.00
C TYR A 299 -9.98 -2.32 -16.16
N ASP A 300 -11.23 -2.14 -16.59
CA ASP A 300 -11.55 -1.21 -17.67
C ASP A 300 -11.15 0.21 -17.31
N ASP A 301 -11.56 0.64 -16.12
CA ASP A 301 -11.31 2.01 -15.65
C ASP A 301 -9.82 2.29 -15.46
N CYS A 302 -9.12 1.39 -14.78
CA CYS A 302 -7.70 1.58 -14.51
C CYS A 302 -6.90 1.67 -15.80
N ALA A 303 -7.14 0.76 -16.74
CA ALA A 303 -6.43 0.78 -18.00
C ALA A 303 -6.71 2.07 -18.79
N LYS A 304 -7.97 2.50 -18.84
CA LYS A 304 -8.33 3.72 -19.56
C LYS A 304 -7.64 4.94 -18.94
N ILE A 305 -7.68 5.04 -17.61
CA ILE A 305 -7.04 6.16 -16.93
C ILE A 305 -5.53 6.18 -17.16
N LEU A 306 -4.87 5.03 -17.02
CA LEU A 306 -3.43 4.97 -17.20
C LEU A 306 -3.04 5.32 -18.63
N GLY A 307 -3.75 4.74 -19.60
CA GLY A 307 -3.54 5.08 -20.99
C GLY A 307 -3.74 6.56 -21.29
N ASN A 308 -4.77 7.14 -20.70
CA ASN A 308 -5.05 8.57 -20.89
C ASN A 308 -3.97 9.46 -20.26
N ILE A 309 -3.44 9.04 -19.11
CA ILE A 309 -2.32 9.74 -18.47
C ILE A 309 -1.10 9.74 -19.40
N VAL A 310 -0.78 8.56 -19.94
CA VAL A 310 0.33 8.41 -20.88
C VAL A 310 0.15 9.31 -22.10
N MET A 311 -1.04 9.26 -22.71
CA MET A 311 -1.31 10.08 -23.89
C MET A 311 -1.24 11.58 -23.57
N ARG A 312 -1.83 12.00 -22.45
CA ARG A 312 -1.83 13.42 -22.07
C ARG A 312 -0.40 13.94 -21.96
N GLU A 313 0.46 13.16 -21.32
CA GLU A 313 1.82 13.58 -21.04
C GLU A 313 2.70 13.56 -22.30
N LEU A 314 2.54 12.54 -23.14
CA LEU A 314 3.49 12.27 -24.21
C LEU A 314 2.97 12.50 -25.63
N ALA A 315 1.67 12.60 -25.85
CA ALA A 315 1.15 12.76 -27.21
C ALA A 315 1.75 13.98 -27.93
N PRO A 316 1.88 15.13 -27.22
CA PRO A 316 2.49 16.29 -27.90
C PRO A 316 3.92 16.03 -28.43
N GLN A 317 4.77 15.39 -27.63
CA GLN A 317 6.12 15.01 -28.05
C GLN A 317 6.13 14.13 -29.29
N PHE A 318 5.14 13.24 -29.38
CA PHE A 318 5.03 12.30 -30.48
C PHE A 318 4.19 12.84 -31.64
N HIS A 319 3.77 14.11 -31.54
CA HIS A 319 2.88 14.74 -32.53
C HIS A 319 1.61 13.93 -32.78
N ILE A 320 1.03 13.38 -31.71
CA ILE A 320 -0.21 12.63 -31.82
C ILE A 320 -1.35 13.51 -31.33
N PRO A 321 -2.39 13.70 -32.17
CA PRO A 321 -3.49 14.51 -31.69
C PRO A 321 -4.20 13.82 -30.52
N TRP A 322 -4.52 14.60 -29.48
CA TRP A 322 -5.18 14.05 -28.30
C TRP A 322 -6.06 15.09 -27.62
N SER A 323 -7.33 14.75 -27.44
CA SER A 323 -8.28 15.57 -26.71
C SER A 323 -8.55 14.92 -25.36
N ILE A 324 -8.38 15.67 -24.28
CA ILE A 324 -8.55 15.11 -22.93
C ILE A 324 -10.01 14.64 -22.69
N PRO A 325 -10.20 13.32 -22.48
CA PRO A 325 -11.56 12.80 -22.31
C PRO A 325 -12.07 12.88 -20.86
N LEU A 326 -13.37 12.67 -20.69
CA LEU A 326 -13.98 12.55 -19.36
C LEU A 326 -13.54 11.23 -18.72
N GLU A 327 -13.51 11.21 -17.39
CA GLU A 327 -13.10 10.02 -16.64
C GLU A 327 -13.90 9.83 -15.35
N ALA A 328 -14.12 8.56 -14.98
CA ALA A 328 -14.83 8.24 -13.74
C ALA A 328 -14.04 8.66 -12.49
N GLU A 329 -14.73 8.69 -11.34
CA GLU A 329 -14.12 8.98 -10.04
C GLU A 329 -14.06 7.75 -9.10
N ASP A 330 -14.79 6.70 -9.45
CA ASP A 330 -14.80 5.45 -8.69
C ASP A 330 -15.09 4.25 -9.59
PG ANP B . -1.05 -4.87 4.53
O1G ANP B . -2.31 -4.08 4.24
O2G ANP B . -1.16 -6.33 4.11
O3G ANP B . 0.23 -4.19 4.04
PB ANP B . 0.11 -4.27 7.30
O1B ANP B . 0.75 -3.08 6.59
O2B ANP B . 1.06 -5.28 7.83
N3B ANP B . -1.10 -4.94 6.28
PA ANP B . -1.77 -2.65 8.84
O1A ANP B . -1.23 -1.36 9.38
O2A ANP B . -2.67 -2.63 7.64
O3A ANP B . -0.59 -3.72 8.63
O5' ANP B . -2.56 -3.35 10.06
C5' ANP B . -3.22 -4.59 9.82
C4' ANP B . -4.67 -4.50 10.26
O4' ANP B . -4.71 -4.24 11.66
C3' ANP B . -5.48 -3.39 9.61
O3' ANP B . -5.99 -3.74 8.31
C2' ANP B . -6.56 -3.15 10.65
O2' ANP B . -7.64 -4.12 10.60
C1' ANP B . -5.80 -3.35 11.94
N9 ANP B . -5.24 -2.10 12.47
C8 ANP B . -4.04 -1.53 12.19
N7 ANP B . -3.88 -0.37 12.91
C5 ANP B . -4.99 -0.23 13.64
C6 ANP B . -5.48 0.76 14.60
N6 ANP B . -4.70 1.81 14.91
N1 ANP B . -6.69 0.56 15.17
C2 ANP B . -7.46 -0.50 14.84
N3 ANP B . -7.07 -1.44 13.96
C4 ANP B . -5.88 -1.36 13.35
O45 2OU C . 4.72 -6.78 0.12
PB5 2OU C . 6.12 -6.96 -0.31
O55 2OU C . 7.00 -5.77 -0.34
O65 2OU C . 6.46 -8.08 -1.21
CB5 2OU C . 6.73 -7.63 1.29
CA5 2OU C . 6.05 -8.97 1.62
O25 2OU C . 4.97 -8.99 2.23
O15 2OU C . 6.77 -10.06 1.25
C5 2OU C . 6.18 -11.36 1.38
C6 2OU C . 7.09 -12.17 2.31
O16 2OU C . 6.97 -11.63 3.66
PA6 2OU C . 8.17 -10.86 4.39
O46 2OU C . 9.39 -11.61 4.01
O36 2OU C . 8.06 -9.49 3.86
O26 2OU C . 7.80 -10.98 5.82
C1 2OU C . 6.72 -13.65 2.34
O11 2OU C . 7.71 -14.35 3.13
PA1 2OU C . 7.30 -15.53 4.14
O21 2OU C . 6.04 -15.07 4.75
O41 2OU C . 8.45 -15.61 5.06
O31 2OU C . 7.14 -16.68 3.22
C4 2OU C . 6.10 -11.98 -0.02
O14 2OU C . 5.10 -11.28 -0.78
PA4 2OU C . 5.17 -10.91 -2.37
O24 2OU C . 4.13 -11.74 -2.98
O44 2OU C . 4.89 -9.47 -2.35
O34 2OU C . 6.54 -11.25 -2.81
C3 2OU C . 5.71 -13.45 0.09
O13 2OU C . 5.65 -14.02 -1.21
PA3 2OU C . 4.47 -14.98 -1.65
O23 2OU C . 3.25 -14.16 -1.63
O43 2OU C . 4.89 -15.43 -2.98
O33 2OU C . 4.53 -16.03 -0.59
C2 2OU C . 6.72 -14.22 0.94
O12 2OU C . 8.04 -14.12 0.36
CA2 2OU C . 8.42 -15.28 -0.33
CB2 2OU C . 9.58 -14.92 -1.03
CD2 2OU C . 9.48 -14.16 -2.21
CE2 2OU C . 10.62 -13.79 -2.92
CZ 2OU C . 11.88 -14.18 -2.46
CE1 2OU C . 11.99 -14.94 -1.30
CD1 2OU C . 10.84 -15.31 -0.58
MG MG D . 0.83 -2.44 4.61
MG MG E . -2.88 -2.91 5.71
MG MG F . -1.53 -0.54 -28.71
#